data_2ZVC
#
_entry.id   2ZVC
#
_cell.length_a   61.150
_cell.length_b   98.400
_cell.length_c   86.770
_cell.angle_alpha   90.00
_cell.angle_beta   90.00
_cell.angle_gamma   90.00
#
_symmetry.space_group_name_H-M   'C 2 2 21'
#
loop_
_entity.id
_entity.type
_entity.pdbx_description
1 polymer 'Precorrin-3 C17-methyltransferase'
2 non-polymer S-ADENOSYL-L-HOMOCYSTEINE
3 water water
#
_entity_poly.entity_id   1
_entity_poly.type   'polypeptide(L)'
_entity_poly.pdbx_seq_one_letter_code
;MGELFLVGMGPGDLPGLTQRAREALEGAEVVIGYSTYVKLLEEMGLLAGKEVVRKGMTEELDRAEEALERALSGQRVALV
SGGDPGIYGMAAPVLELMEERGLKRVDGGVGLPGRFAGEEGEVFLAVIPGVTAANAVASLLGSPLAHDTCLISLSDLLTP
WPLIERRLHAAGQGDFVVVLYNPQSKRRDWQLRKSAEILLEYRPKETPAALVKSAYRKRQEVALTTLEGLREAEAGMLTT
VVIGNRQSRFYEGTFLTPRGYALKYDLDTKEALPGETPGLSLVSPEGASSGRRDA
;
_entity_poly.pdbx_strand_id   A
#
# COMPACT_ATOMS: atom_id res chain seq x y z
N GLY A 2 -1.71 -25.76 5.37
CA GLY A 2 -2.85 -24.88 5.73
C GLY A 2 -3.06 -23.80 4.68
N GLU A 3 -3.69 -22.70 5.06
CA GLU A 3 -3.94 -21.62 4.13
C GLU A 3 -3.31 -20.31 4.59
N LEU A 4 -2.81 -19.54 3.64
CA LEU A 4 -2.24 -18.24 3.93
C LEU A 4 -2.83 -17.27 2.93
N PHE A 5 -3.80 -16.49 3.39
CA PHE A 5 -4.47 -15.52 2.54
C PHE A 5 -4.02 -14.10 2.86
N LEU A 6 -3.40 -13.44 1.89
CA LEU A 6 -2.95 -12.07 2.09
C LEU A 6 -4.16 -11.22 1.70
N VAL A 7 -4.80 -10.66 2.71
CA VAL A 7 -6.01 -9.87 2.51
C VAL A 7 -5.81 -8.37 2.42
N GLY A 8 -6.12 -7.80 1.26
CA GLY A 8 -6.00 -6.36 1.09
C GLY A 8 -7.30 -5.79 1.63
N MET A 9 -7.22 -4.92 2.63
CA MET A 9 -8.45 -4.36 3.20
C MET A 9 -8.91 -3.01 2.68
N GLY A 10 -8.23 -2.48 1.67
CA GLY A 10 -8.65 -1.20 1.14
C GLY A 10 -8.17 -0.03 1.98
N PRO A 11 -8.73 1.17 1.79
CA PRO A 11 -8.32 2.36 2.54
C PRO A 11 -8.52 2.33 4.06
N GLY A 12 -9.49 1.56 4.55
CA GLY A 12 -9.68 1.50 5.99
C GLY A 12 -11.10 1.51 6.54
N ASP A 13 -12.09 1.72 5.69
CA ASP A 13 -13.47 1.71 6.15
C ASP A 13 -14.13 0.39 5.75
N LEU A 14 -15.15 -0.01 6.52
CA LEU A 14 -15.85 -1.26 6.28
C LEU A 14 -16.36 -1.41 4.84
N PRO A 15 -17.02 -0.38 4.29
CA PRO A 15 -17.53 -0.50 2.93
C PRO A 15 -16.41 -0.56 1.88
N GLY A 16 -15.20 -0.18 2.29
CA GLY A 16 -14.07 -0.16 1.37
C GLY A 16 -13.46 -1.51 1.02
N LEU A 17 -13.81 -2.55 1.77
CA LEU A 17 -13.30 -3.90 1.49
C LEU A 17 -14.13 -4.57 0.41
N THR A 18 -13.50 -5.47 -0.36
CA THR A 18 -14.23 -6.20 -1.38
C THR A 18 -14.91 -7.37 -0.67
N GLN A 19 -15.92 -7.95 -1.30
CA GLN A 19 -16.61 -9.09 -0.71
C GLN A 19 -15.62 -10.24 -0.56
N ARG A 20 -14.70 -10.34 -1.52
CA ARG A 20 -13.68 -11.38 -1.51
C ARG A 20 -12.83 -11.25 -0.24
N ALA A 21 -12.52 -10.01 0.15
CA ALA A 21 -11.73 -9.76 1.36
C ALA A 21 -12.52 -10.14 2.61
N ARG A 22 -13.80 -9.77 2.63
CA ARG A 22 -14.66 -10.09 3.76
C ARG A 22 -14.70 -11.60 3.97
N GLU A 23 -14.93 -12.32 2.87
CA GLU A 23 -15.01 -13.78 2.91
C GLU A 23 -13.71 -14.44 3.37
N ALA A 24 -12.58 -13.88 2.97
CA ALA A 24 -11.28 -14.44 3.38
C ALA A 24 -11.11 -14.26 4.88
N LEU A 25 -11.56 -13.13 5.41
CA LEU A 25 -11.45 -12.87 6.84
C LEU A 25 -12.43 -13.76 7.59
N GLU A 26 -13.64 -13.91 7.05
CA GLU A 26 -14.65 -14.75 7.67
C GLU A 26 -14.17 -16.19 7.83
N GLY A 27 -13.47 -16.70 6.82
CA GLY A 27 -13.00 -18.06 6.86
C GLY A 27 -11.66 -18.30 7.55
N ALA A 28 -11.04 -17.24 8.05
CA ALA A 28 -9.75 -17.37 8.73
C ALA A 28 -9.91 -17.70 10.20
N GLU A 29 -9.01 -18.55 10.71
CA GLU A 29 -9.01 -18.95 12.11
C GLU A 29 -8.20 -17.94 12.91
N VAL A 30 -7.15 -17.44 12.29
CA VAL A 30 -6.26 -16.47 12.91
C VAL A 30 -6.02 -15.30 11.96
N VAL A 31 -5.92 -14.10 12.51
CA VAL A 31 -5.69 -12.89 11.73
C VAL A 31 -4.42 -12.20 12.23
N ILE A 32 -3.52 -11.91 11.32
CA ILE A 32 -2.26 -11.26 11.64
C ILE A 32 -2.10 -9.99 10.82
N GLY A 33 -1.52 -8.96 11.43
CA GLY A 33 -1.30 -7.71 10.72
C GLY A 33 -0.75 -6.65 11.63
N TYR A 34 -0.25 -5.56 11.05
CA TYR A 34 0.28 -4.50 11.89
C TYR A 34 -0.88 -3.96 12.74
N SER A 35 -0.58 -3.64 14.00
CA SER A 35 -1.56 -3.16 14.95
C SER A 35 -2.68 -2.27 14.41
N THR A 36 -2.33 -1.22 13.68
CA THR A 36 -3.32 -0.29 13.14
C THR A 36 -4.38 -0.96 12.27
N TYR A 37 -3.97 -1.84 11.37
CA TYR A 37 -4.94 -2.52 10.51
C TYR A 37 -5.82 -3.46 11.32
N VAL A 38 -5.20 -4.22 12.21
CA VAL A 38 -5.94 -5.16 13.06
C VAL A 38 -7.00 -4.45 13.88
N LYS A 39 -6.65 -3.29 14.43
CA LYS A 39 -7.60 -2.52 15.23
C LYS A 39 -8.78 -2.06 14.41
N LEU A 40 -8.51 -1.62 13.16
CA LEU A 40 -9.59 -1.18 12.28
C LEU A 40 -10.60 -2.29 12.08
N LEU A 41 -10.09 -3.50 11.80
CA LEU A 41 -10.94 -4.66 11.58
C LEU A 41 -11.70 -5.03 12.85
N GLU A 42 -11.02 -4.92 13.99
CA GLU A 42 -11.65 -5.25 15.27
C GLU A 42 -12.82 -4.29 15.50
N GLU A 43 -12.59 -3.01 15.22
CA GLU A 43 -13.60 -1.98 15.37
C GLU A 43 -14.82 -2.26 14.48
N MET A 44 -14.52 -2.82 13.29
CA MET A 44 -15.59 -3.19 12.38
C MET A 44 -16.37 -4.40 12.88
N GLY A 45 -15.77 -5.10 13.86
CA GLY A 45 -16.41 -6.29 14.41
C GLY A 45 -16.23 -7.50 13.49
N LEU A 46 -15.10 -7.57 12.79
CA LEU A 46 -14.83 -8.66 11.87
C LEU A 46 -13.87 -9.72 12.43
N LEU A 47 -13.38 -9.50 13.65
CA LEU A 47 -12.44 -10.44 14.25
C LEU A 47 -13.03 -11.24 15.40
N ALA A 48 -14.34 -11.13 15.60
CA ALA A 48 -15.00 -11.85 16.68
C ALA A 48 -14.82 -13.35 16.60
N GLY A 49 -14.45 -13.97 17.72
CA GLY A 49 -14.27 -15.41 17.78
C GLY A 49 -13.10 -15.97 16.99
N LYS A 50 -12.09 -15.14 16.73
CA LYS A 50 -10.93 -15.59 15.97
C LYS A 50 -9.67 -15.27 16.76
N GLU A 51 -8.60 -15.98 16.45
CA GLU A 51 -7.32 -15.73 17.12
C GLU A 51 -6.74 -14.51 16.43
N VAL A 52 -6.40 -13.49 17.22
CA VAL A 52 -5.84 -12.25 16.68
C VAL A 52 -4.41 -12.02 17.16
N VAL A 53 -3.50 -11.92 16.21
CA VAL A 53 -2.10 -11.69 16.53
C VAL A 53 -1.69 -10.27 16.11
N ARG A 54 -1.33 -9.46 17.09
CA ARG A 54 -0.91 -8.09 16.81
C ARG A 54 0.33 -7.79 17.63
N LYS A 55 0.46 -8.46 18.77
CA LYS A 55 1.61 -8.27 19.66
C LYS A 55 2.88 -8.84 19.03
N GLY A 56 3.92 -8.01 18.99
CA GLY A 56 5.19 -8.43 18.40
C GLY A 56 5.15 -8.45 16.88
N MET A 57 4.07 -7.92 16.31
CA MET A 57 3.91 -7.89 14.86
C MET A 57 4.26 -6.52 14.27
N THR A 58 5.21 -5.83 14.88
CA THR A 58 5.63 -4.50 14.41
C THR A 58 6.41 -4.57 13.10
N GLU A 59 7.31 -5.55 12.98
CA GLU A 59 8.13 -5.71 11.79
C GLU A 59 7.44 -6.52 10.70
N GLU A 60 7.70 -6.19 9.44
CA GLU A 60 7.10 -6.90 8.32
C GLU A 60 7.60 -8.34 8.26
N LEU A 61 8.91 -8.53 8.46
CA LEU A 61 9.50 -9.86 8.43
C LEU A 61 8.90 -10.79 9.48
N ASP A 62 8.67 -10.26 10.67
CA ASP A 62 8.09 -11.06 11.74
C ASP A 62 6.66 -11.45 11.40
N ARG A 63 5.90 -10.53 10.80
CA ARG A 63 4.53 -10.82 10.42
C ARG A 63 4.49 -11.94 9.38
N ALA A 64 5.39 -11.85 8.40
CA ALA A 64 5.45 -12.85 7.34
C ALA A 64 5.85 -14.22 7.89
N GLU A 65 6.88 -14.27 8.72
CA GLU A 65 7.33 -15.54 9.29
C GLU A 65 6.26 -16.17 10.15
N GLU A 66 5.60 -15.35 10.97
CA GLU A 66 4.55 -15.81 11.85
C GLU A 66 3.42 -16.44 11.04
N ALA A 67 2.96 -15.72 10.01
CA ALA A 67 1.88 -16.19 9.17
C ALA A 67 2.25 -17.47 8.42
N LEU A 68 3.47 -17.52 7.87
CA LEU A 68 3.92 -18.69 7.13
C LEU A 68 4.04 -19.94 7.99
N GLU A 69 4.68 -19.80 9.16
CA GLU A 69 4.85 -20.93 10.06
C GLU A 69 3.50 -21.46 10.56
N ARG A 70 2.56 -20.55 10.81
CA ARG A 70 1.24 -20.96 11.26
C ARG A 70 0.51 -21.70 10.15
N ALA A 71 0.66 -21.20 8.93
CA ALA A 71 0.01 -21.82 7.78
C ALA A 71 0.59 -23.21 7.55
N LEU A 72 1.91 -23.30 7.63
CA LEU A 72 2.59 -24.58 7.43
C LEU A 72 2.17 -25.61 8.47
N SER A 73 1.78 -25.09 9.66
CA SER A 73 1.33 -26.00 10.71
C SER A 73 -0.14 -26.41 10.55
N GLY A 74 -0.76 -25.92 9.45
CA GLY A 74 -2.13 -26.34 9.14
C GLY A 74 -3.20 -25.30 9.45
N GLN A 75 -2.83 -24.13 9.99
CA GLN A 75 -3.83 -23.11 10.31
C GLN A 75 -4.35 -22.37 9.08
N ARG A 76 -5.57 -21.84 9.19
CA ARG A 76 -6.18 -21.06 8.12
C ARG A 76 -5.87 -19.62 8.49
N VAL A 77 -4.84 -19.07 7.86
CA VAL A 77 -4.38 -17.73 8.20
C VAL A 77 -4.74 -16.60 7.26
N ALA A 78 -5.05 -15.45 7.86
CA ALA A 78 -5.36 -14.26 7.09
C ALA A 78 -4.34 -13.21 7.55
N LEU A 79 -3.47 -12.80 6.63
CA LEU A 79 -2.47 -11.79 6.91
C LEU A 79 -2.98 -10.53 6.22
N VAL A 80 -3.31 -9.51 7.01
CA VAL A 80 -3.87 -8.28 6.47
C VAL A 80 -2.90 -7.16 6.12
N SER A 81 -3.18 -6.48 5.02
CA SER A 81 -2.39 -5.34 4.57
C SER A 81 -3.38 -4.23 4.22
N GLY A 82 -3.06 -2.99 4.55
CA GLY A 82 -3.95 -1.90 4.20
C GLY A 82 -3.91 -1.84 2.68
N GLY A 83 -4.96 -1.32 2.05
CA GLY A 83 -4.98 -1.23 0.60
C GLY A 83 -4.86 -2.58 -0.09
N ASP A 84 -3.79 -2.77 -0.85
CA ASP A 84 -3.54 -4.02 -1.57
C ASP A 84 -2.24 -4.64 -1.04
N PRO A 85 -2.20 -5.99 -0.86
CA PRO A 85 -1.00 -6.65 -0.36
C PRO A 85 0.22 -6.56 -1.29
N GLY A 86 -0.05 -6.35 -2.58
CA GLY A 86 1.02 -6.28 -3.55
C GLY A 86 1.62 -4.91 -3.79
N ILE A 87 1.15 -3.91 -3.05
CA ILE A 87 1.66 -2.55 -3.19
C ILE A 87 2.28 -2.13 -1.87
N TYR A 88 3.60 -2.28 -1.77
CA TYR A 88 4.36 -1.95 -0.58
C TYR A 88 3.68 -2.67 0.59
N GLY A 89 3.26 -3.91 0.34
CA GLY A 89 2.57 -4.71 1.35
C GLY A 89 3.25 -6.01 1.73
N MET A 90 2.45 -6.98 2.19
CA MET A 90 2.99 -8.26 2.63
C MET A 90 3.28 -9.32 1.57
N ALA A 91 2.80 -9.14 0.35
CA ALA A 91 3.01 -10.13 -0.70
C ALA A 91 4.48 -10.44 -0.96
N ALA A 92 5.29 -9.39 -1.09
CA ALA A 92 6.72 -9.55 -1.34
C ALA A 92 7.43 -10.28 -0.20
N PRO A 93 7.30 -9.77 1.04
CA PRO A 93 7.97 -10.41 2.19
C PRO A 93 7.63 -11.89 2.30
N VAL A 94 6.36 -12.24 2.09
CA VAL A 94 5.92 -13.62 2.19
C VAL A 94 6.57 -14.50 1.11
N LEU A 95 6.50 -14.06 -0.14
CA LEU A 95 7.10 -14.85 -1.22
C LEU A 95 8.61 -14.98 -1.08
N GLU A 96 9.27 -13.90 -0.68
CA GLU A 96 10.72 -13.94 -0.52
C GLU A 96 11.12 -14.90 0.60
N LEU A 97 10.28 -15.00 1.62
CA LEU A 97 10.55 -15.88 2.74
C LEU A 97 10.36 -17.34 2.29
N MET A 98 9.29 -17.59 1.55
CA MET A 98 9.01 -18.93 1.05
C MET A 98 10.15 -19.36 0.14
N GLU A 99 10.64 -18.42 -0.66
CA GLU A 99 11.74 -18.67 -1.58
C GLU A 99 12.99 -19.04 -0.79
N GLU A 100 13.26 -18.26 0.26
CA GLU A 100 14.42 -18.50 1.12
C GLU A 100 14.36 -19.89 1.77
N ARG A 101 13.16 -20.32 2.16
CA ARG A 101 12.99 -21.63 2.79
C ARG A 101 12.97 -22.75 1.75
N GLY A 102 13.00 -22.39 0.48
CA GLY A 102 12.99 -23.40 -0.56
C GLY A 102 11.69 -24.14 -0.73
N LEU A 103 10.57 -23.49 -0.42
CA LEU A 103 9.28 -24.15 -0.59
C LEU A 103 9.10 -24.32 -2.09
N LYS A 104 8.56 -25.46 -2.50
CA LYS A 104 8.36 -25.73 -3.91
C LYS A 104 6.88 -25.82 -4.24
N ARG A 105 6.52 -25.45 -5.47
CA ARG A 105 5.14 -25.52 -5.90
C ARG A 105 4.81 -26.97 -6.19
N VAL A 106 3.66 -27.43 -5.70
CA VAL A 106 3.27 -28.82 -5.90
C VAL A 106 1.95 -29.02 -6.63
N ASP A 107 1.54 -28.03 -7.43
CA ASP A 107 0.29 -28.18 -8.17
C ASP A 107 0.47 -27.91 -9.66
N GLY A 108 1.70 -27.60 -10.06
CA GLY A 108 1.99 -27.35 -11.46
C GLY A 108 1.40 -26.07 -12.05
N GLY A 109 0.80 -25.23 -11.21
CA GLY A 109 0.20 -24.01 -11.72
C GLY A 109 1.17 -22.85 -11.84
N VAL A 110 0.68 -21.73 -12.36
CA VAL A 110 1.49 -20.53 -12.53
C VAL A 110 0.75 -19.40 -11.82
N GLY A 111 1.49 -18.39 -11.37
CA GLY A 111 0.90 -17.28 -10.66
C GLY A 111 0.34 -17.72 -9.32
N LEU A 112 -0.74 -17.07 -8.90
CA LEU A 112 -1.40 -17.39 -7.64
C LEU A 112 -2.90 -17.40 -7.90
N PRO A 113 -3.69 -18.08 -7.06
CA PRO A 113 -3.30 -18.86 -5.87
C PRO A 113 -2.51 -20.11 -6.23
N GLY A 114 -1.86 -20.72 -5.24
CA GLY A 114 -1.08 -21.91 -5.51
C GLY A 114 -0.70 -22.68 -4.26
N ARG A 115 -0.43 -23.97 -4.43
CA ARG A 115 -0.03 -24.82 -3.31
C ARG A 115 1.47 -25.03 -3.35
N PHE A 116 2.11 -24.76 -2.21
CA PHE A 116 3.56 -24.88 -2.05
C PHE A 116 3.83 -25.80 -0.87
N ALA A 117 4.95 -26.52 -0.91
CA ALA A 117 5.29 -27.43 0.18
C ALA A 117 6.77 -27.51 0.51
N GLY A 118 7.04 -27.99 1.71
CA GLY A 118 8.41 -28.12 2.18
C GLY A 118 8.43 -29.11 3.33
N GLU A 119 9.61 -29.42 3.83
CA GLU A 119 9.74 -30.37 4.94
C GLU A 119 8.87 -29.97 6.13
N GLU A 120 8.62 -28.67 6.28
CA GLU A 120 7.80 -28.16 7.38
C GLU A 120 6.31 -28.43 7.17
N GLY A 121 5.91 -28.59 5.91
CA GLY A 121 4.51 -28.82 5.59
C GLY A 121 4.16 -28.13 4.28
N GLU A 122 2.89 -27.82 4.09
CA GLU A 122 2.47 -27.15 2.86
C GLU A 122 1.57 -25.96 3.12
N VAL A 123 1.42 -25.10 2.12
CA VAL A 123 0.59 -23.91 2.25
C VAL A 123 -0.09 -23.50 0.95
N PHE A 124 -1.38 -23.20 1.06
CA PHE A 124 -2.14 -22.72 -0.09
C PHE A 124 -2.09 -21.20 0.06
N LEU A 125 -1.38 -20.55 -0.86
CA LEU A 125 -1.20 -19.11 -0.85
C LEU A 125 -2.09 -18.36 -1.83
N ALA A 126 -2.77 -17.33 -1.36
CA ALA A 126 -3.62 -16.53 -2.22
C ALA A 126 -3.52 -15.06 -1.82
N VAL A 127 -3.64 -14.17 -2.79
CA VAL A 127 -3.61 -12.75 -2.53
C VAL A 127 -4.98 -12.20 -2.88
N ILE A 128 -5.62 -11.53 -1.92
CA ILE A 128 -6.93 -10.94 -2.14
C ILE A 128 -6.64 -9.47 -2.43
N PRO A 129 -6.87 -9.02 -3.67
CA PRO A 129 -6.60 -7.62 -3.98
C PRO A 129 -7.52 -6.64 -3.27
N GLY A 130 -7.05 -5.40 -3.14
CA GLY A 130 -7.83 -4.37 -2.50
C GLY A 130 -7.56 -3.01 -3.14
N VAL A 131 -8.40 -2.04 -2.86
CA VAL A 131 -8.23 -0.69 -3.42
C VAL A 131 -6.96 -0.10 -2.80
N THR A 132 -5.96 0.16 -3.63
CA THR A 132 -4.71 0.71 -3.11
C THR A 132 -4.86 2.20 -2.86
N ALA A 133 -3.98 2.76 -2.02
CA ALA A 133 -4.03 4.18 -1.68
C ALA A 133 -4.18 5.12 -2.87
N ALA A 134 -3.44 4.84 -3.95
CA ALA A 134 -3.50 5.69 -5.14
C ALA A 134 -4.93 5.93 -5.61
N ASN A 135 -5.67 4.85 -5.86
CA ASN A 135 -7.05 4.96 -6.35
C ASN A 135 -8.00 5.47 -5.29
N ALA A 136 -7.75 5.09 -4.04
CA ALA A 136 -8.60 5.54 -2.94
C ALA A 136 -8.51 7.06 -2.78
N VAL A 137 -7.30 7.61 -2.77
CA VAL A 137 -7.18 9.05 -2.61
C VAL A 137 -7.62 9.78 -3.89
N ALA A 138 -7.40 9.15 -5.03
CA ALA A 138 -7.80 9.73 -6.32
C ALA A 138 -9.32 9.94 -6.35
N SER A 139 -10.07 9.01 -5.77
CA SER A 139 -11.53 9.11 -5.74
C SER A 139 -12.01 10.27 -4.89
N LEU A 140 -11.13 10.73 -3.99
CA LEU A 140 -11.45 11.87 -3.12
C LEU A 140 -10.90 13.17 -3.68
N LEU A 141 -10.27 13.09 -4.86
CA LEU A 141 -9.68 14.26 -5.50
C LEU A 141 -10.33 14.69 -6.82
N GLY A 142 -10.66 13.71 -7.66
CA GLY A 142 -11.26 14.00 -8.95
C GLY A 142 -10.81 12.95 -9.95
N SER A 143 -9.97 13.35 -10.91
CA SER A 143 -9.45 12.41 -11.92
C SER A 143 -7.93 12.62 -12.08
N PRO A 144 -7.21 12.75 -10.96
CA PRO A 144 -5.76 12.97 -11.02
C PRO A 144 -4.93 11.89 -11.71
N LEU A 145 -5.38 10.65 -11.65
CA LEU A 145 -4.65 9.54 -12.26
C LEU A 145 -5.22 9.10 -13.61
N ALA A 146 -6.06 9.95 -14.20
CA ALA A 146 -6.70 9.64 -15.48
C ALA A 146 -5.76 9.33 -16.64
N HIS A 147 -4.46 9.55 -16.46
CA HIS A 147 -3.51 9.23 -17.51
C HIS A 147 -2.35 8.44 -16.89
N ASP A 148 -1.30 8.23 -17.66
CA ASP A 148 -0.16 7.46 -17.15
C ASP A 148 0.33 7.97 -15.79
N THR A 149 0.56 7.02 -14.88
CA THR A 149 0.97 7.36 -13.53
C THR A 149 2.06 6.44 -13.00
N CYS A 150 2.91 6.95 -12.12
CA CYS A 150 3.97 6.15 -11.50
C CYS A 150 3.71 6.16 -9.99
N LEU A 151 3.95 5.03 -9.35
CA LEU A 151 3.77 4.92 -7.91
C LEU A 151 5.17 4.84 -7.32
N ILE A 152 5.47 5.75 -6.39
CA ILE A 152 6.79 5.80 -5.76
C ILE A 152 6.69 5.89 -4.25
N SER A 153 7.50 5.07 -3.57
CA SER A 153 7.55 5.09 -2.12
C SER A 153 8.78 5.92 -1.73
N LEU A 154 8.63 6.78 -0.71
CA LEU A 154 9.75 7.60 -0.27
C LEU A 154 10.45 6.99 0.95
N SER A 155 10.16 5.72 1.21
CA SER A 155 10.81 5.02 2.31
C SER A 155 12.16 4.51 1.82
N ASP A 156 13.24 5.03 2.38
CA ASP A 156 14.58 4.62 1.98
C ASP A 156 15.17 3.66 3.01
N LEU A 157 14.30 2.97 3.73
CA LEU A 157 14.75 2.02 4.74
C LEU A 157 15.45 0.83 4.08
N LEU A 158 14.78 0.25 3.07
CA LEU A 158 15.37 -0.89 2.37
C LEU A 158 15.74 -0.56 0.92
N THR A 159 15.60 0.74 0.57
CA THR A 159 15.93 1.20 -0.79
C THR A 159 16.80 2.45 -0.71
N PRO A 160 18.00 2.39 -1.31
CA PRO A 160 18.92 3.55 -1.30
C PRO A 160 18.26 4.77 -1.90
N TRP A 161 18.43 5.93 -1.26
CA TRP A 161 17.83 7.16 -1.76
C TRP A 161 18.20 7.45 -3.20
N PRO A 162 19.48 7.25 -3.58
CA PRO A 162 19.88 7.53 -4.96
C PRO A 162 19.03 6.80 -6.00
N LEU A 163 18.51 5.63 -5.65
CA LEU A 163 17.67 4.89 -6.57
C LEU A 163 16.31 5.58 -6.66
N ILE A 164 15.83 6.07 -5.52
CA ILE A 164 14.55 6.76 -5.47
C ILE A 164 14.65 8.04 -6.32
N GLU A 165 15.78 8.74 -6.24
CA GLU A 165 15.97 9.96 -7.03
C GLU A 165 15.93 9.62 -8.52
N ARG A 166 16.44 8.43 -8.85
CA ARG A 166 16.46 7.97 -10.22
C ARG A 166 15.02 7.78 -10.68
N ARG A 167 14.21 7.18 -9.81
CA ARG A 167 12.79 6.95 -10.11
C ARG A 167 12.08 8.29 -10.31
N LEU A 168 12.37 9.23 -9.43
CA LEU A 168 11.75 10.56 -9.48
C LEU A 168 12.12 11.36 -10.73
N HIS A 169 13.40 11.34 -11.09
CA HIS A 169 13.85 12.06 -12.28
C HIS A 169 13.19 11.44 -13.50
N ALA A 170 13.06 10.12 -13.50
CA ALA A 170 12.44 9.43 -14.62
C ALA A 170 10.96 9.80 -14.73
N ALA A 171 10.27 9.82 -13.60
CA ALA A 171 8.86 10.19 -13.58
C ALA A 171 8.71 11.61 -14.12
N GLY A 172 9.66 12.47 -13.76
CA GLY A 172 9.63 13.84 -14.24
C GLY A 172 9.79 13.93 -15.74
N GLN A 173 10.85 13.33 -16.28
CA GLN A 173 11.11 13.41 -17.71
C GLN A 173 9.99 12.75 -18.54
N GLY A 174 9.37 11.68 -17.99
CA GLY A 174 8.32 10.99 -18.73
C GLY A 174 6.98 11.72 -18.64
N ASP A 175 6.97 12.81 -17.81
CA ASP A 175 5.73 13.57 -17.57
C ASP A 175 4.61 12.69 -17.03
N PHE A 176 4.96 11.92 -15.99
CA PHE A 176 4.02 11.02 -15.32
C PHE A 176 3.37 11.72 -14.14
N VAL A 177 2.10 11.41 -13.92
CA VAL A 177 1.41 11.91 -12.73
C VAL A 177 2.15 11.09 -11.66
N VAL A 178 2.43 11.68 -10.51
CA VAL A 178 3.15 10.96 -9.47
C VAL A 178 2.38 10.76 -8.17
N VAL A 179 2.38 9.53 -7.68
CA VAL A 179 1.72 9.22 -6.41
C VAL A 179 2.82 8.79 -5.44
N LEU A 180 2.96 9.54 -4.36
CA LEU A 180 3.99 9.21 -3.38
C LEU A 180 3.44 8.46 -2.16
N TYR A 181 3.88 7.21 -2.00
CA TYR A 181 3.48 6.40 -0.85
C TYR A 181 4.54 6.61 0.23
N ASN A 182 4.16 6.49 1.50
CA ASN A 182 5.11 6.67 2.60
C ASN A 182 5.89 7.97 2.37
N PRO A 183 5.17 9.09 2.17
CA PRO A 183 5.81 10.39 1.92
C PRO A 183 6.66 11.02 3.01
N GLN A 184 6.39 10.72 4.27
CA GLN A 184 7.15 11.37 5.32
C GLN A 184 6.94 10.77 6.72
N SER A 185 7.93 10.98 7.59
CA SER A 185 7.88 10.49 8.96
C SER A 185 8.84 11.33 9.77
N LYS A 186 8.82 11.14 11.09
CA LYS A 186 9.70 11.87 12.00
C LYS A 186 11.14 11.78 11.52
N ARG A 187 11.59 10.57 11.20
CA ARG A 187 12.95 10.34 10.72
C ARG A 187 13.14 10.87 9.29
N ARG A 188 12.21 10.47 8.42
CA ARG A 188 12.26 10.85 7.02
C ARG A 188 11.47 12.13 6.77
N ASP A 189 12.04 13.26 7.18
CA ASP A 189 11.37 14.55 7.04
C ASP A 189 11.86 15.43 5.89
N TRP A 190 12.79 14.93 5.09
CA TRP A 190 13.33 15.73 3.99
C TRP A 190 13.01 15.15 2.61
N GLN A 191 12.63 13.87 2.58
CA GLN A 191 12.33 13.21 1.32
C GLN A 191 11.25 13.85 0.45
N LEU A 192 10.18 14.33 1.07
CA LEU A 192 9.11 14.95 0.30
C LEU A 192 9.60 16.23 -0.39
N ARG A 193 10.25 17.10 0.38
CA ARG A 193 10.78 18.34 -0.18
C ARG A 193 11.72 18.04 -1.35
N LYS A 194 12.64 17.10 -1.13
CA LYS A 194 13.61 16.71 -2.14
C LYS A 194 12.88 16.23 -3.40
N SER A 195 11.84 15.42 -3.22
CA SER A 195 11.07 14.92 -4.34
C SER A 195 10.45 16.06 -5.14
N ALA A 196 9.94 17.06 -4.43
CA ALA A 196 9.32 18.21 -5.09
C ALA A 196 10.34 18.99 -5.92
N GLU A 197 11.54 19.16 -5.36
CA GLU A 197 12.60 19.89 -6.05
C GLU A 197 13.06 19.18 -7.33
N ILE A 198 13.05 17.85 -7.31
CA ILE A 198 13.44 17.08 -8.48
C ILE A 198 12.40 17.23 -9.58
N LEU A 199 11.12 17.10 -9.21
CA LEU A 199 10.04 17.21 -10.18
C LEU A 199 9.89 18.64 -10.70
N LEU A 200 10.31 19.62 -9.89
CA LEU A 200 10.19 21.01 -10.30
C LEU A 200 11.10 21.32 -11.49
N GLU A 201 12.04 20.40 -11.75
CA GLU A 201 12.94 20.60 -12.89
C GLU A 201 12.28 20.15 -14.21
N TYR A 202 11.10 19.51 -14.06
CA TYR A 202 10.39 18.99 -15.24
C TYR A 202 9.02 19.65 -15.46
N ARG A 203 8.42 20.20 -14.41
CA ARG A 203 7.10 20.81 -14.55
C ARG A 203 6.95 22.07 -13.69
N PRO A 204 6.03 22.98 -14.08
CA PRO A 204 5.74 24.25 -13.40
C PRO A 204 5.49 24.21 -11.89
N LYS A 205 5.84 25.32 -11.23
CA LYS A 205 5.65 25.46 -9.78
C LYS A 205 4.17 25.36 -9.42
N GLU A 206 3.33 25.89 -10.30
CA GLU A 206 1.88 25.90 -10.10
C GLU A 206 1.21 24.56 -10.44
N THR A 207 2.01 23.55 -10.76
CA THR A 207 1.46 22.23 -11.09
C THR A 207 0.62 21.71 -9.92
N PRO A 208 -0.62 21.29 -10.20
CA PRO A 208 -1.49 20.77 -9.14
C PRO A 208 -0.87 19.64 -8.32
N ALA A 209 -1.12 19.68 -7.01
CA ALA A 209 -0.63 18.64 -6.11
C ALA A 209 -1.62 18.55 -4.97
N ALA A 210 -1.57 17.45 -4.23
CA ALA A 210 -2.49 17.29 -3.12
C ALA A 210 -1.97 16.30 -2.08
N LEU A 211 -2.39 16.53 -0.84
CA LEU A 211 -2.00 15.65 0.24
C LEU A 211 -3.32 15.14 0.80
N VAL A 212 -3.51 13.83 0.74
CA VAL A 212 -4.73 13.23 1.25
C VAL A 212 -4.37 12.35 2.42
N LYS A 213 -4.88 12.73 3.58
CA LYS A 213 -4.61 12.03 4.82
C LYS A 213 -5.78 11.19 5.30
N SER A 214 -5.47 9.98 5.78
CA SER A 214 -6.47 9.06 6.31
C SER A 214 -7.70 8.96 5.44
N ALA A 215 -7.50 8.68 4.16
CA ALA A 215 -8.60 8.55 3.22
C ALA A 215 -9.58 7.49 3.71
N TYR A 216 -10.86 7.84 3.75
CA TYR A 216 -11.94 6.94 4.19
C TYR A 216 -11.85 6.54 5.65
N ARG A 217 -11.10 7.27 6.45
CA ARG A 217 -10.98 6.97 7.86
C ARG A 217 -11.34 8.19 8.69
N LYS A 218 -11.26 8.03 10.01
CA LYS A 218 -11.54 9.12 10.93
C LYS A 218 -10.48 10.18 10.68
N ARG A 219 -10.86 11.45 10.77
CA ARG A 219 -9.93 12.56 10.57
C ARG A 219 -9.40 12.66 9.15
N GLN A 220 -10.16 12.12 8.21
CA GLN A 220 -9.78 12.19 6.80
C GLN A 220 -9.56 13.65 6.44
N GLU A 221 -8.55 13.92 5.63
CA GLU A 221 -8.28 15.30 5.23
C GLU A 221 -7.75 15.40 3.81
N VAL A 222 -8.34 16.30 3.03
CA VAL A 222 -7.93 16.53 1.66
C VAL A 222 -7.38 17.95 1.58
N ALA A 223 -6.08 18.06 1.26
CA ALA A 223 -5.45 19.37 1.15
C ALA A 223 -4.91 19.60 -0.26
N LEU A 224 -5.42 20.63 -0.94
CA LEU A 224 -4.97 20.96 -2.28
C LEU A 224 -3.84 21.99 -2.19
N THR A 225 -2.84 21.84 -3.04
CA THR A 225 -1.70 22.78 -3.04
C THR A 225 -1.07 22.72 -4.43
N THR A 226 0.20 23.12 -4.54
CA THR A 226 0.91 23.08 -5.81
C THR A 226 2.21 22.34 -5.58
N LEU A 227 2.89 22.00 -6.67
CA LEU A 227 4.16 21.30 -6.55
C LEU A 227 5.15 22.13 -5.73
N GLU A 228 5.13 23.45 -5.93
CA GLU A 228 6.01 24.34 -5.20
C GLU A 228 5.67 24.28 -3.72
N GLY A 229 4.37 24.19 -3.43
CA GLY A 229 3.92 24.13 -2.05
C GLY A 229 4.40 22.92 -1.29
N LEU A 230 4.67 21.83 -1.99
CA LEU A 230 5.14 20.60 -1.36
C LEU A 230 6.52 20.74 -0.72
N ARG A 231 7.29 21.73 -1.15
CA ARG A 231 8.62 21.92 -0.58
C ARG A 231 8.59 22.21 0.91
N GLU A 232 7.48 22.76 1.40
CA GLU A 232 7.35 23.08 2.81
C GLU A 232 6.16 22.37 3.46
N ALA A 233 5.47 21.54 2.70
CA ALA A 233 4.31 20.82 3.22
C ALA A 233 4.69 19.75 4.23
N GLU A 234 3.80 19.54 5.20
CA GLU A 234 4.00 18.54 6.23
C GLU A 234 3.08 17.34 5.99
N ALA A 235 3.67 16.17 5.78
CA ALA A 235 2.92 14.96 5.54
C ALA A 235 3.23 13.94 6.64
N GLY A 236 2.42 12.89 6.72
CA GLY A 236 2.64 11.87 7.74
C GLY A 236 2.61 10.48 7.13
N MET A 237 2.59 9.47 7.99
CA MET A 237 2.56 8.09 7.48
C MET A 237 1.16 7.67 7.04
N LEU A 238 0.17 8.53 7.39
CA LEU A 238 -1.20 8.29 6.93
C LEU A 238 -1.55 9.15 5.71
N THR A 239 -0.50 9.70 5.06
CA THR A 239 -0.72 10.60 3.93
C THR A 239 -0.18 10.02 2.62
N THR A 240 -0.92 10.31 1.55
CA THR A 240 -0.51 9.93 0.20
C THR A 240 -0.47 11.26 -0.55
N VAL A 241 0.61 11.50 -1.28
CA VAL A 241 0.75 12.75 -2.03
C VAL A 241 0.58 12.46 -3.52
N VAL A 242 -0.10 13.35 -4.22
CA VAL A 242 -0.31 13.20 -5.64
C VAL A 242 0.18 14.45 -6.36
N ILE A 243 1.02 14.26 -7.37
CA ILE A 243 1.58 15.38 -8.13
C ILE A 243 1.15 15.25 -9.59
N GLY A 244 0.44 16.25 -10.09
CA GLY A 244 -0.04 16.21 -11.46
C GLY A 244 1.04 16.31 -12.51
N ASN A 245 0.67 16.03 -13.76
CA ASN A 245 1.62 16.13 -14.86
C ASN A 245 1.47 17.53 -15.45
N ARG A 246 2.19 17.80 -16.53
CA ARG A 246 2.17 19.11 -17.18
C ARG A 246 0.81 19.55 -17.73
N GLN A 247 -0.17 18.65 -17.69
CA GLN A 247 -1.51 18.96 -18.18
C GLN A 247 -2.55 19.06 -17.07
N SER A 248 -2.22 18.53 -15.89
CA SER A 248 -3.15 18.57 -14.77
C SER A 248 -3.54 19.99 -14.39
N ARG A 249 -4.79 20.16 -13.98
CA ARG A 249 -5.27 21.47 -13.58
C ARG A 249 -6.38 21.31 -12.57
N PHE A 250 -6.67 22.37 -11.83
CA PHE A 250 -7.74 22.33 -10.85
C PHE A 250 -9.02 22.79 -11.54
N TYR A 251 -10.12 22.14 -11.20
CA TYR A 251 -11.41 22.50 -11.75
C TYR A 251 -12.44 22.49 -10.63
N GLU A 252 -12.89 23.69 -10.25
CA GLU A 252 -13.88 23.85 -9.19
C GLU A 252 -13.65 22.94 -8.00
N GLY A 253 -12.44 22.99 -7.44
CA GLY A 253 -12.13 22.18 -6.28
C GLY A 253 -11.64 20.77 -6.56
N THR A 254 -11.78 20.31 -7.81
CA THR A 254 -11.34 18.96 -8.15
C THR A 254 -9.97 18.99 -8.83
N PHE A 255 -9.26 17.87 -8.71
CA PHE A 255 -7.92 17.69 -9.27
C PHE A 255 -8.16 16.94 -10.58
N LEU A 256 -8.07 17.65 -11.70
CA LEU A 256 -8.33 17.06 -13.00
C LEU A 256 -7.11 16.84 -13.90
N THR A 257 -6.87 15.58 -14.26
CA THR A 257 -5.79 15.24 -15.17
C THR A 257 -6.48 14.80 -16.45
N PRO A 258 -6.26 15.52 -17.55
CA PRO A 258 -6.86 15.23 -18.87
C PRO A 258 -6.67 13.79 -19.32
N ARG A 259 -7.75 13.19 -19.82
CA ARG A 259 -7.69 11.81 -20.27
C ARG A 259 -6.95 11.73 -21.61
N GLY A 260 -6.93 12.84 -22.34
CA GLY A 260 -6.25 12.86 -23.62
C GLY A 260 -5.47 14.13 -23.86
N SAH B . -0.48 -1.82 0.69
CA SAH B . -0.86 -0.37 0.99
CB SAH B . 0.26 0.58 1.23
CG SAH B . 1.24 0.27 2.35
SD SAH B . 2.42 1.67 2.43
C SAH B . -1.75 0.13 -0.22
O SAH B . -1.99 -0.65 -1.17
OXT SAH B . -2.19 1.34 -0.14
C5' SAH B . 1.60 2.73 3.55
C4' SAH B . 1.35 4.12 2.82
O4' SAH B . 0.22 3.95 1.92
C3' SAH B . 0.99 5.27 3.70
O3' SAH B . 2.16 5.86 4.25
C2' SAH B . 0.21 6.16 2.70
O2' SAH B . 1.10 6.90 1.86
C1' SAH B . -0.66 5.17 1.92
N9 SAH B . -1.87 4.87 2.48
C8 SAH B . -2.45 3.71 2.93
N7 SAH B . -3.67 3.83 3.38
C5 SAH B . -3.97 5.22 3.24
C6 SAH B . -5.16 5.98 3.54
N6 SAH B . -6.28 5.46 4.08
N1 SAH B . -5.07 7.33 3.25
C2 SAH B . -3.97 7.91 2.72
N3 SAH B . -2.82 7.21 2.39
C4 SAH B . -2.89 5.88 2.69
#